data_8SXM
#
_entry.id   8SXM
#
loop_
_entity.id
_entity.type
_entity.pdbx_description
1 polymer 'Zinc finger protein 750'
2 non-polymer 'ZINC ION'
#
_entity_poly.entity_id   1
_entity_poly.type   'polypeptide(L)'
_entity_poly.pdbx_seq_one_letter_code
;(ACE)YKCFQCPFTCNEKSHLFNHMKYGLCKN(NH2)
;
_entity_poly.pdbx_strand_id   A
#
# COMPACT_ATOMS: atom_id res chain seq x y z
N TYR A 2 4.72 0.56 -6.19
CA TYR A 2 3.37 0.76 -6.76
C TYR A 2 2.82 2.10 -6.28
N LYS A 3 1.49 2.27 -6.43
CA LYS A 3 0.84 3.51 -6.02
C LYS A 3 -0.31 3.22 -5.05
N CYS A 4 -0.45 4.06 -4.02
CA CYS A 4 -1.51 3.90 -3.02
C CYS A 4 -2.15 5.24 -2.71
N PHE A 5 -3.47 5.30 -2.93
CA PHE A 5 -4.24 6.51 -2.68
C PHE A 5 -4.67 6.60 -1.22
N GLN A 6 -4.86 5.45 -0.58
CA GLN A 6 -5.26 5.43 0.83
C GLN A 6 -4.40 6.38 1.65
N CYS A 7 -3.13 6.44 1.28
CA CYS A 7 -2.17 7.30 1.95
C CYS A 7 -0.96 7.42 1.05
N PRO A 8 -0.32 8.57 0.98
CA PRO A 8 0.86 8.70 0.10
C PRO A 8 1.85 7.57 0.35
N PHE A 9 1.77 6.51 -0.45
CA PHE A 9 2.69 5.38 -0.29
C PHE A 9 2.97 4.75 -1.65
N THR A 10 4.21 4.29 -1.79
CA THR A 10 4.66 3.65 -3.02
C THR A 10 5.66 2.57 -2.68
N CYS A 11 5.88 1.63 -3.61
CA CYS A 11 6.83 0.55 -3.33
C CYS A 11 7.43 -0.02 -4.62
N ASN A 12 8.32 -0.99 -4.43
CA ASN A 12 9.00 -1.66 -5.53
C ASN A 12 8.01 -2.43 -6.41
N GLU A 13 7.00 -3.06 -5.80
CA GLU A 13 6.02 -3.82 -6.57
C GLU A 13 4.68 -3.95 -5.84
N LYS A 14 3.66 -4.42 -6.56
CA LYS A 14 2.33 -4.55 -5.97
C LYS A 14 2.35 -5.41 -4.71
N SER A 15 3.06 -6.52 -4.76
CA SER A 15 3.15 -7.43 -3.60
C SER A 15 3.31 -6.64 -2.31
N HIS A 16 3.94 -5.47 -2.40
CA HIS A 16 4.13 -4.63 -1.22
C HIS A 16 2.89 -3.78 -0.96
N LEU A 17 2.21 -3.39 -2.05
CA LEU A 17 1.01 -2.58 -1.92
C LEU A 17 -0.04 -3.40 -1.19
N PHE A 18 -0.12 -4.68 -1.55
CA PHE A 18 -1.06 -5.60 -0.93
C PHE A 18 -0.74 -5.72 0.55
N ASN A 19 0.55 -5.91 0.83
CA ASN A 19 1.00 -6.02 2.20
C ASN A 19 0.72 -4.72 2.94
N HIS A 20 0.98 -3.61 2.26
CA HIS A 20 0.74 -2.30 2.86
C HIS A 20 -0.75 -2.09 3.10
N MET A 21 -1.58 -2.55 2.17
CA MET A 21 -3.03 -2.43 2.30
C MET A 21 -3.56 -3.41 3.34
N LYS A 22 -2.99 -4.61 3.34
CA LYS A 22 -3.42 -5.67 4.24
C LYS A 22 -2.77 -5.55 5.62
N TYR A 23 -1.62 -4.87 5.69
CA TYR A 23 -0.96 -4.71 6.99
C TYR A 23 -1.78 -3.78 7.86
N GLY A 24 -2.68 -3.01 7.23
CA GLY A 24 -3.55 -2.10 7.96
C GLY A 24 -2.87 -0.77 8.26
N LEU A 25 -1.75 -0.52 7.58
CA LEU A 25 -1.03 0.73 7.78
C LEU A 25 -1.92 1.88 7.35
N CYS A 26 -2.63 1.66 6.23
CA CYS A 26 -3.53 2.66 5.70
C CYS A 26 -4.76 1.98 5.08
N LYS A 27 -5.91 2.10 5.74
CA LYS A 27 -7.15 1.49 5.24
C LYS A 27 -8.07 2.55 4.64
N ASN A 28 -8.82 2.16 3.61
CA ASN A 28 -9.76 3.09 2.96
C ASN A 28 -11.09 2.39 2.70
N TYR A 2 4.63 0.52 -5.71
CA TYR A 2 3.39 0.70 -6.52
C TYR A 2 2.77 2.05 -6.17
N LYS A 3 1.45 2.16 -6.33
CA LYS A 3 0.73 3.39 -6.02
C LYS A 3 -0.39 3.12 -5.02
N CYS A 4 -0.54 4.02 -4.04
CA CYS A 4 -1.59 3.87 -3.02
C CYS A 4 -2.22 5.22 -2.68
N PHE A 5 -3.53 5.28 -2.89
CA PHE A 5 -4.30 6.50 -2.61
C PHE A 5 -4.67 6.57 -1.12
N GLN A 6 -4.93 5.40 -0.52
CA GLN A 6 -5.29 5.33 0.90
C GLN A 6 -4.44 6.32 1.69
N CYS A 7 -3.19 6.40 1.31
CA CYS A 7 -2.25 7.31 1.94
C CYS A 7 -1.03 7.45 1.03
N PRO A 8 -0.44 8.60 0.93
CA PRO A 8 0.73 8.75 0.03
C PRO A 8 1.75 7.66 0.30
N PHE A 9 1.69 6.58 -0.48
CA PHE A 9 2.63 5.47 -0.31
C PHE A 9 2.93 4.83 -1.66
N THR A 10 4.16 4.34 -1.78
CA THR A 10 4.59 3.68 -3.01
C THR A 10 5.63 2.61 -2.67
N CYS A 11 5.83 1.65 -3.57
CA CYS A 11 6.79 0.58 -3.30
C CYS A 11 7.42 0.04 -4.58
N ASN A 12 8.33 -0.92 -4.40
CA ASN A 12 9.02 -1.54 -5.51
C ASN A 12 8.05 -2.32 -6.40
N GLU A 13 7.08 -3.02 -5.79
CA GLU A 13 6.11 -3.79 -6.57
C GLU A 13 4.76 -3.90 -5.84
N LYS A 14 3.75 -4.43 -6.55
CA LYS A 14 2.40 -4.56 -6.01
C LYS A 14 2.38 -5.43 -4.75
N SER A 15 3.08 -6.56 -4.78
CA SER A 15 3.09 -7.45 -3.62
C SER A 15 3.27 -6.65 -2.33
N HIS A 16 3.97 -5.52 -2.40
CA HIS A 16 4.17 -4.67 -1.23
C HIS A 16 2.91 -3.86 -0.98
N LEU A 17 2.24 -3.47 -2.06
CA LEU A 17 1.01 -2.71 -1.96
C LEU A 17 -0.02 -3.55 -1.21
N PHE A 18 -0.05 -4.83 -1.56
CA PHE A 18 -0.96 -5.77 -0.92
C PHE A 18 -0.65 -5.84 0.56
N ASN A 19 0.64 -5.94 0.85
CA ASN A 19 1.10 -5.99 2.22
C ASN A 19 0.77 -4.68 2.91
N HIS A 20 0.96 -3.58 2.20
CA HIS A 20 0.66 -2.26 2.74
C HIS A 20 -0.83 -2.13 3.00
N MET A 21 -1.63 -2.69 2.11
CA MET A 21 -3.09 -2.64 2.25
C MET A 21 -3.56 -3.62 3.31
N LYS A 22 -2.95 -4.80 3.33
CA LYS A 22 -3.33 -5.86 4.26
C LYS A 22 -2.69 -5.67 5.63
N TYR A 23 -1.57 -4.96 5.70
CA TYR A 23 -0.92 -4.76 7.00
C TYR A 23 -1.80 -3.83 7.84
N GLY A 24 -2.68 -3.07 7.19
CA GLY A 24 -3.57 -2.16 7.92
C GLY A 24 -2.88 -0.84 8.21
N LEU A 25 -1.79 -0.58 7.50
CA LEU A 25 -1.05 0.67 7.68
C LEU A 25 -1.94 1.82 7.27
N CYS A 26 -2.67 1.63 6.17
CA CYS A 26 -3.57 2.68 5.68
C CYS A 26 -4.79 2.05 5.01
N LYS A 27 -5.94 2.11 5.69
CA LYS A 27 -7.18 1.58 5.17
C LYS A 27 -8.13 2.71 4.78
N ASN A 28 -8.50 2.76 3.50
CA ASN A 28 -9.40 3.82 3.03
C ASN A 28 -10.57 3.99 3.98
N TYR A 2 4.47 0.47 -5.73
CA TYR A 2 3.22 0.71 -6.50
C TYR A 2 2.65 2.09 -6.12
N LYS A 3 1.35 2.26 -6.32
CA LYS A 3 0.70 3.54 -6.01
C LYS A 3 -0.42 3.32 -4.98
N CYS A 4 -0.47 4.21 -3.98
CA CYS A 4 -1.49 4.13 -2.93
C CYS A 4 -2.04 5.52 -2.64
N PHE A 5 -3.34 5.68 -2.93
CA PHE A 5 -4.03 6.95 -2.73
C PHE A 5 -4.52 7.09 -1.28
N GLN A 6 -4.76 5.96 -0.62
CA GLN A 6 -5.22 5.98 0.76
C GLN A 6 -4.31 6.87 1.59
N CYS A 7 -3.03 6.74 1.35
CA CYS A 7 -2.02 7.53 2.04
C CYS A 7 -0.78 7.61 1.16
N PRO A 8 -0.14 8.74 1.02
CA PRO A 8 1.04 8.84 0.14
C PRO A 8 2.01 7.69 0.41
N PHE A 9 1.92 6.64 -0.39
CA PHE A 9 2.81 5.49 -0.24
C PHE A 9 3.07 4.84 -1.58
N THR A 10 4.28 4.31 -1.73
CA THR A 10 4.69 3.65 -2.96
C THR A 10 5.70 2.56 -2.66
N CYS A 11 5.84 1.60 -3.57
CA CYS A 11 6.79 0.51 -3.35
C CYS A 11 7.31 -0.03 -4.68
N ASN A 12 8.22 -0.99 -4.60
CA ASN A 12 8.80 -1.59 -5.79
C ASN A 12 7.75 -2.36 -6.60
N GLU A 13 6.83 -3.07 -5.92
CA GLU A 13 5.81 -3.82 -6.65
C GLU A 13 4.48 -3.94 -5.87
N LYS A 14 3.44 -4.45 -6.55
CA LYS A 14 2.11 -4.58 -5.97
C LYS A 14 2.13 -5.42 -4.69
N SER A 15 2.80 -6.56 -4.71
CA SER A 15 2.83 -7.41 -3.53
C SER A 15 3.09 -6.60 -2.25
N HIS A 16 3.82 -5.49 -2.37
CA HIS A 16 4.09 -4.64 -1.22
C HIS A 16 2.87 -3.80 -0.91
N LEU A 17 2.17 -3.39 -1.96
CA LEU A 17 0.96 -2.60 -1.80
C LEU A 17 -0.04 -3.40 -1.00
N PHE A 18 -0.11 -4.68 -1.33
CA PHE A 18 -0.99 -5.63 -0.66
C PHE A 18 -0.61 -5.70 0.81
N ASN A 19 0.68 -5.80 1.05
CA ASN A 19 1.20 -5.85 2.41
C ASN A 19 0.90 -4.54 3.11
N HIS A 20 1.04 -3.45 2.38
CA HIS A 20 0.77 -2.12 2.93
C HIS A 20 -0.71 -1.98 3.30
N MET A 21 -1.58 -2.58 2.49
CA MET A 21 -3.01 -2.52 2.77
C MET A 21 -3.42 -3.58 3.79
N LYS A 22 -2.86 -4.77 3.65
CA LYS A 22 -3.17 -5.87 4.54
C LYS A 22 -2.58 -5.67 5.93
N TYR A 23 -1.46 -4.96 6.02
CA TYR A 23 -0.86 -4.74 7.34
C TYR A 23 -1.76 -3.79 8.14
N GLY A 24 -2.65 -3.08 7.43
CA GLY A 24 -3.59 -2.17 8.10
C GLY A 24 -3.00 -0.78 8.22
N LEU A 25 -1.86 -0.55 7.57
CA LEU A 25 -1.23 0.76 7.61
C LEU A 25 -2.15 1.76 6.94
N CYS A 26 -2.73 1.33 5.82
CA CYS A 26 -3.66 2.16 5.07
C CYS A 26 -4.58 1.27 4.23
N LYS A 27 -5.86 1.22 4.61
CA LYS A 27 -6.84 0.39 3.90
C LYS A 27 -7.77 1.27 3.06
N ASN A 28 -8.07 0.81 1.84
CA ASN A 28 -8.95 1.55 0.94
C ASN A 28 -10.37 0.95 0.95
N TYR A 2 4.78 0.45 -6.30
CA TYR A 2 3.42 0.69 -6.87
C TYR A 2 2.90 2.04 -6.34
N LYS A 3 1.58 2.22 -6.34
CA LYS A 3 0.97 3.46 -5.87
C LYS A 3 -0.23 3.16 -4.97
N CYS A 4 -0.42 4.01 -3.95
CA CYS A 4 -1.52 3.82 -3.00
C CYS A 4 -2.19 5.16 -2.68
N PHE A 5 -3.51 5.19 -2.86
CA PHE A 5 -4.31 6.38 -2.59
C PHE A 5 -4.71 6.44 -1.12
N GLN A 6 -4.87 5.28 -0.50
CA GLN A 6 -5.26 5.23 0.92
C GLN A 6 -4.41 6.20 1.70
N CYS A 7 -3.18 6.37 1.25
CA CYS A 7 -2.25 7.29 1.88
C CYS A 7 -1.02 7.43 0.98
N PRO A 8 -0.43 8.58 0.85
CA PRO A 8 0.73 8.73 -0.04
C PRO A 8 1.77 7.65 0.25
N PHE A 9 1.71 6.57 -0.53
CA PHE A 9 2.66 5.46 -0.36
C PHE A 9 2.94 4.80 -1.70
N THR A 10 4.17 4.33 -1.84
CA THR A 10 4.61 3.66 -3.06
C THR A 10 5.66 2.61 -2.71
N CYS A 11 5.86 1.64 -3.60
CA CYS A 11 6.83 0.59 -3.31
C CYS A 11 7.46 0.02 -4.59
N ASN A 12 8.35 -0.94 -4.41
CA ASN A 12 9.04 -1.57 -5.52
C ASN A 12 8.06 -2.34 -6.41
N GLU A 13 7.08 -3.03 -5.80
CA GLU A 13 6.11 -3.81 -6.59
C GLU A 13 4.75 -3.94 -5.86
N LYS A 14 3.76 -4.47 -6.58
CA LYS A 14 2.41 -4.64 -6.05
C LYS A 14 2.41 -5.46 -4.76
N SER A 15 3.15 -6.57 -4.75
CA SER A 15 3.19 -7.43 -3.57
C SER A 15 3.35 -6.60 -2.29
N HIS A 16 4.04 -5.47 -2.38
CA HIS A 16 4.21 -4.61 -1.22
C HIS A 16 2.95 -3.80 -0.98
N LEU A 17 2.30 -3.41 -2.07
CA LEU A 17 1.07 -2.65 -1.98
C LEU A 17 0.03 -3.47 -1.24
N PHE A 18 -0.02 -4.76 -1.58
CA PHE A 18 -0.94 -5.68 -0.96
C PHE A 18 -0.65 -5.76 0.52
N ASN A 19 0.63 -5.88 0.85
CA ASN A 19 1.07 -5.93 2.23
C ASN A 19 0.74 -4.61 2.91
N HIS A 20 0.95 -3.52 2.20
CA HIS A 20 0.67 -2.20 2.74
C HIS A 20 -0.82 -2.02 3.00
N MET A 21 -1.64 -2.63 2.15
CA MET A 21 -3.10 -2.55 2.30
C MET A 21 -3.59 -3.58 3.31
N LYS A 22 -2.99 -4.76 3.29
CA LYS A 22 -3.39 -5.85 4.18
C LYS A 22 -2.81 -5.69 5.58
N TYR A 23 -1.68 -5.00 5.70
CA TYR A 23 -1.09 -4.82 7.02
C TYR A 23 -1.95 -3.87 7.85
N GLY A 24 -2.79 -3.08 7.17
CA GLY A 24 -3.68 -2.15 7.87
C GLY A 24 -2.95 -0.85 8.18
N LEU A 25 -1.83 -0.63 7.50
CA LEU A 25 -1.07 0.59 7.71
C LEU A 25 -1.92 1.77 7.30
N CYS A 26 -2.63 1.61 6.18
CA CYS A 26 -3.50 2.67 5.69
C CYS A 26 -4.78 2.09 5.09
N LYS A 27 -5.89 2.26 5.80
CA LYS A 27 -7.19 1.77 5.34
C LYS A 27 -8.05 2.92 4.86
N ASN A 28 -8.92 2.66 3.88
CA ASN A 28 -9.81 3.69 3.33
C ASN A 28 -11.22 3.14 3.16
N TYR A 2 4.46 0.56 -5.67
CA TYR A 2 3.20 0.74 -6.45
C TYR A 2 2.61 2.12 -6.11
N LYS A 3 1.32 2.30 -6.41
CA LYS A 3 0.63 3.56 -6.13
C LYS A 3 -0.39 3.38 -5.02
N CYS A 4 -0.40 4.27 -4.04
CA CYS A 4 -1.35 4.16 -2.93
C CYS A 4 -1.96 5.51 -2.59
N PHE A 5 -3.28 5.59 -2.79
CA PHE A 5 -4.03 6.80 -2.49
C PHE A 5 -4.45 6.82 -1.02
N GLN A 6 -4.70 5.64 -0.46
CA GLN A 6 -5.13 5.55 0.93
C GLN A 6 -4.30 6.47 1.78
N CYS A 7 -3.04 6.59 1.38
CA CYS A 7 -2.09 7.46 2.06
C CYS A 7 -0.83 7.56 1.21
N PRO A 8 -0.19 8.70 1.13
CA PRO A 8 1.03 8.83 0.29
C PRO A 8 2.00 7.68 0.54
N PHE A 9 1.92 6.65 -0.32
CA PHE A 9 2.81 5.50 -0.19
C PHE A 9 3.09 4.88 -1.55
N THR A 10 4.28 4.30 -1.68
CA THR A 10 4.68 3.64 -2.92
C THR A 10 5.68 2.54 -2.63
N CYS A 11 5.82 1.59 -3.55
CA CYS A 11 6.76 0.47 -3.34
C CYS A 11 7.30 -0.06 -4.66
N ASN A 12 8.16 -1.08 -4.55
CA ASN A 12 8.76 -1.70 -5.72
C ASN A 12 7.72 -2.41 -6.58
N GLU A 13 6.75 -3.08 -5.94
CA GLU A 13 5.71 -3.80 -6.70
C GLU A 13 4.38 -3.91 -5.93
N LYS A 14 3.35 -4.44 -6.62
CA LYS A 14 2.02 -4.58 -6.03
C LYS A 14 2.04 -5.40 -4.75
N SER A 15 2.73 -6.53 -4.77
CA SER A 15 2.78 -7.40 -3.59
C SER A 15 3.02 -6.58 -2.31
N HIS A 16 3.83 -5.53 -2.40
CA HIS A 16 4.09 -4.70 -1.24
C HIS A 16 2.87 -3.84 -0.94
N LEU A 17 2.19 -3.42 -2.00
CA LEU A 17 1.00 -2.59 -1.85
C LEU A 17 -0.03 -3.38 -1.05
N PHE A 18 -0.15 -4.63 -1.41
CA PHE A 18 -1.06 -5.55 -0.75
C PHE A 18 -0.70 -5.63 0.71
N ASN A 19 0.60 -5.78 0.96
CA ASN A 19 1.12 -5.84 2.32
C ASN A 19 0.85 -4.52 3.02
N HIS A 20 1.04 -3.43 2.29
CA HIS A 20 0.79 -2.10 2.84
C HIS A 20 -0.66 -1.94 3.25
N MET A 21 -1.57 -2.50 2.45
CA MET A 21 -2.99 -2.41 2.75
C MET A 21 -3.39 -3.45 3.80
N LYS A 22 -2.89 -4.67 3.63
CA LYS A 22 -3.21 -5.77 4.52
C LYS A 22 -2.59 -5.58 5.91
N TYR A 23 -1.46 -4.89 5.99
CA TYR A 23 -0.83 -4.67 7.28
C TYR A 23 -1.70 -3.74 8.12
N GLY A 24 -2.58 -2.99 7.45
CA GLY A 24 -3.48 -2.06 8.16
C GLY A 24 -2.86 -0.68 8.29
N LEU A 25 -1.76 -0.46 7.60
CA LEU A 25 -1.08 0.82 7.65
C LEU A 25 -2.01 1.88 7.05
N CYS A 26 -2.69 1.51 5.97
CA CYS A 26 -3.62 2.42 5.32
C CYS A 26 -4.71 1.64 4.58
N LYS A 27 -5.93 1.70 5.11
CA LYS A 27 -7.07 1.00 4.51
C LYS A 27 -7.96 1.99 3.77
N ASN A 28 -8.63 1.51 2.72
CA ASN A 28 -9.51 2.35 1.91
C ASN A 28 -10.95 2.20 2.37
N TYR A 2 4.50 0.53 -5.69
CA TYR A 2 3.28 0.75 -6.49
C TYR A 2 2.70 2.12 -6.14
N LYS A 3 1.38 2.28 -6.31
CA LYS A 3 0.71 3.55 -6.01
C LYS A 3 -0.42 3.32 -5.00
N CYS A 4 -0.52 4.20 -4.00
CA CYS A 4 -1.55 4.08 -2.98
C CYS A 4 -2.13 5.43 -2.62
N PHE A 5 -3.45 5.55 -2.78
CA PHE A 5 -4.17 6.77 -2.47
C PHE A 5 -4.52 6.83 -0.97
N GLN A 6 -4.79 5.67 -0.38
CA GLN A 6 -5.15 5.61 1.04
C GLN A 6 -4.26 6.55 1.83
N CYS A 7 -3.00 6.61 1.41
CA CYS A 7 -2.03 7.48 2.04
C CYS A 7 -0.81 7.57 1.13
N PRO A 8 -0.18 8.72 0.99
CA PRO A 8 0.99 8.82 0.08
C PRO A 8 1.97 7.68 0.35
N PHE A 9 1.86 6.61 -0.42
CA PHE A 9 2.75 5.47 -0.28
C PHE A 9 3.02 4.82 -1.63
N THR A 10 4.24 4.30 -1.77
CA THR A 10 4.65 3.64 -3.01
C THR A 10 5.67 2.56 -2.69
N CYS A 11 5.82 1.60 -3.58
CA CYS A 11 6.78 0.52 -3.35
C CYS A 11 7.34 -0.03 -4.67
N ASN A 12 8.25 -0.99 -4.54
CA ASN A 12 8.86 -1.61 -5.70
C ASN A 12 7.84 -2.37 -6.53
N GLU A 13 6.90 -3.07 -5.87
CA GLU A 13 5.89 -3.84 -6.61
C GLU A 13 4.56 -3.94 -5.85
N LYS A 14 3.54 -4.46 -6.55
CA LYS A 14 2.20 -4.60 -5.97
C LYS A 14 2.21 -5.45 -4.72
N SER A 15 2.89 -6.58 -4.76
CA SER A 15 2.95 -7.47 -3.60
C SER A 15 3.17 -6.68 -2.31
N HIS A 16 3.87 -5.54 -2.41
CA HIS A 16 4.10 -4.70 -1.25
C HIS A 16 2.88 -3.85 -0.97
N LEU A 17 2.19 -3.46 -2.04
CA LEU A 17 0.98 -2.66 -1.88
C LEU A 17 -0.04 -3.47 -1.10
N PHE A 18 -0.11 -4.74 -1.45
CA PHE A 18 -1.02 -5.68 -0.79
C PHE A 18 -0.67 -5.73 0.69
N ASN A 19 0.62 -5.84 0.95
CA ASN A 19 1.11 -5.87 2.32
C ASN A 19 0.79 -4.56 3.01
N HIS A 20 0.97 -3.47 2.27
CA HIS A 20 0.69 -2.14 2.81
C HIS A 20 -0.80 -1.99 3.14
N MET A 21 -1.64 -2.58 2.31
CA MET A 21 -3.09 -2.53 2.52
C MET A 21 -3.54 -3.55 3.56
N LYS A 22 -2.91 -4.73 3.52
CA LYS A 22 -3.27 -5.81 4.42
C LYS A 22 -2.61 -5.64 5.79
N TYR A 23 -1.50 -4.89 5.85
CA TYR A 23 -0.85 -4.69 7.15
C TYR A 23 -1.72 -3.77 8.01
N GLY A 24 -2.61 -3.02 7.36
CA GLY A 24 -3.51 -2.11 8.10
C GLY A 24 -2.86 -0.75 8.28
N LEU A 25 -1.77 -0.51 7.58
CA LEU A 25 -1.09 0.78 7.68
C LEU A 25 -2.01 1.87 7.17
N CYS A 26 -2.71 1.58 6.09
CA CYS A 26 -3.65 2.53 5.51
C CYS A 26 -4.76 1.80 4.74
N LYS A 27 -5.97 1.81 5.31
CA LYS A 27 -7.10 1.14 4.68
C LYS A 27 -8.08 2.16 4.09
N ASN A 28 -8.62 1.85 2.92
CA ASN A 28 -9.56 2.75 2.26
C ASN A 28 -10.93 2.67 2.94
N TYR A 2 4.76 0.51 -6.34
CA TYR A 2 3.36 0.73 -6.84
C TYR A 2 2.84 2.06 -6.30
N LYS A 3 1.52 2.25 -6.38
CA LYS A 3 0.89 3.50 -5.93
C LYS A 3 -0.24 3.22 -4.94
N CYS A 4 -0.44 4.14 -3.99
CA CYS A 4 -1.48 3.99 -2.98
C CYS A 4 -2.15 5.32 -2.71
N PHE A 5 -3.47 5.34 -2.89
CA PHE A 5 -4.29 6.53 -2.67
C PHE A 5 -4.74 6.64 -1.21
N GLN A 6 -4.81 5.50 -0.51
CA GLN A 6 -5.23 5.51 0.90
C GLN A 6 -4.36 6.49 1.68
N CYS A 7 -3.08 6.49 1.36
CA CYS A 7 -2.12 7.39 1.99
C CYS A 7 -0.91 7.49 1.08
N PRO A 8 -0.31 8.63 0.89
CA PRO A 8 0.84 8.72 -0.03
C PRO A 8 1.84 7.61 0.26
N PHE A 9 1.73 6.52 -0.49
CA PHE A 9 2.64 5.39 -0.32
C PHE A 9 2.91 4.73 -1.66
N THR A 10 4.15 4.29 -1.81
CA THR A 10 4.59 3.62 -3.03
C THR A 10 5.62 2.56 -2.67
N CYS A 11 5.84 1.60 -3.57
CA CYS A 11 6.80 0.54 -3.27
C CYS A 11 7.41 -0.06 -4.54
N ASN A 12 8.27 -1.06 -4.34
CA ASN A 12 8.96 -1.70 -5.46
C ASN A 12 7.99 -2.44 -6.38
N GLU A 13 6.98 -3.09 -5.79
CA GLU A 13 6.00 -3.82 -6.59
C GLU A 13 4.65 -3.94 -5.86
N LYS A 14 3.63 -4.43 -6.58
CA LYS A 14 2.31 -4.57 -6.00
C LYS A 14 2.33 -5.39 -4.72
N SER A 15 3.02 -6.54 -4.76
CA SER A 15 3.10 -7.43 -3.60
C SER A 15 3.27 -6.63 -2.30
N HIS A 16 3.98 -5.50 -2.37
CA HIS A 16 4.17 -4.67 -1.19
C HIS A 16 2.94 -3.81 -0.95
N LEU A 17 2.31 -3.37 -2.04
CA LEU A 17 1.12 -2.56 -1.92
C LEU A 17 0.05 -3.36 -1.21
N PHE A 18 -0.07 -4.60 -1.62
CA PHE A 18 -1.03 -5.51 -1.03
C PHE A 18 -0.74 -5.64 0.46
N ASN A 19 0.54 -5.80 0.77
CA ASN A 19 0.98 -5.90 2.15
C ASN A 19 0.69 -4.60 2.87
N HIS A 20 0.90 -3.49 2.18
CA HIS A 20 0.66 -2.17 2.75
C HIS A 20 -0.83 -2.00 3.07
N MET A 21 -1.69 -2.58 2.23
CA MET A 21 -3.13 -2.51 2.44
C MET A 21 -3.58 -3.53 3.50
N LYS A 22 -3.00 -4.71 3.44
CA LYS A 22 -3.36 -5.78 4.35
C LYS A 22 -2.68 -5.62 5.71
N TYR A 23 -1.56 -4.90 5.77
CA TYR A 23 -0.90 -4.71 7.05
C TYR A 23 -1.75 -3.78 7.92
N GLY A 24 -2.66 -3.03 7.28
CA GLY A 24 -3.53 -2.12 8.02
C GLY A 24 -2.87 -0.77 8.26
N LEU A 25 -1.78 -0.52 7.55
CA LEU A 25 -1.08 0.75 7.69
C LEU A 25 -2.01 1.85 7.21
N CYS A 26 -2.70 1.57 6.11
CA CYS A 26 -3.63 2.54 5.54
C CYS A 26 -4.88 1.80 5.03
N LYS A 27 -5.99 1.97 5.75
CA LYS A 27 -7.26 1.33 5.39
C LYS A 27 -8.22 2.35 4.78
N ASN A 28 -8.51 2.18 3.50
CA ASN A 28 -9.43 3.09 2.80
C ASN A 28 -9.95 2.44 1.52
N TYR A 2 4.75 0.56 -5.78
CA TYR A 2 3.50 0.73 -6.57
C TYR A 2 2.88 2.07 -6.19
N LYS A 3 1.55 2.18 -6.31
CA LYS A 3 0.84 3.42 -5.98
C LYS A 3 -0.34 3.14 -5.05
N CYS A 4 -0.46 3.92 -3.98
CA CYS A 4 -1.56 3.77 -3.02
C CYS A 4 -2.21 5.12 -2.73
N PHE A 5 -3.52 5.18 -2.97
CA PHE A 5 -4.30 6.40 -2.75
C PHE A 5 -4.76 6.50 -1.30
N GLN A 6 -4.86 5.37 -0.62
CA GLN A 6 -5.30 5.38 0.77
C GLN A 6 -4.48 6.36 1.57
N CYS A 7 -3.19 6.38 1.27
CA CYS A 7 -2.24 7.28 1.91
C CYS A 7 -1.02 7.41 1.00
N PRO A 8 -0.45 8.58 0.85
CA PRO A 8 0.71 8.72 -0.06
C PRO A 8 1.75 7.63 0.24
N PHE A 9 1.69 6.54 -0.53
CA PHE A 9 2.62 5.44 -0.35
C PHE A 9 2.94 4.79 -1.68
N THR A 10 4.18 4.33 -1.80
CA THR A 10 4.64 3.67 -3.02
C THR A 10 5.67 2.60 -2.67
N CYS A 11 5.90 1.66 -3.58
CA CYS A 11 6.85 0.59 -3.30
C CYS A 11 7.48 0.03 -4.58
N ASN A 12 8.37 -0.95 -4.39
CA ASN A 12 9.06 -1.59 -5.49
C ASN A 12 8.09 -2.38 -6.37
N GLU A 13 7.12 -3.07 -5.74
CA GLU A 13 6.16 -3.88 -6.50
C GLU A 13 4.80 -3.95 -5.80
N LYS A 14 3.78 -4.43 -6.54
CA LYS A 14 2.42 -4.54 -6.01
C LYS A 14 2.39 -5.41 -4.75
N SER A 15 3.08 -6.53 -4.79
CA SER A 15 3.12 -7.44 -3.63
C SER A 15 3.29 -6.65 -2.34
N HIS A 16 3.90 -5.46 -2.43
CA HIS A 16 4.10 -4.61 -1.25
C HIS A 16 2.85 -3.78 -1.01
N LEU A 17 2.19 -3.39 -2.11
CA LEU A 17 0.96 -2.61 -2.01
C LEU A 17 -0.07 -3.43 -1.27
N PHE A 18 -0.13 -4.71 -1.62
CA PHE A 18 -1.05 -5.64 -0.99
C PHE A 18 -0.73 -5.72 0.49
N ASN A 19 0.54 -5.87 0.78
CA ASN A 19 1.02 -5.94 2.14
C ASN A 19 0.72 -4.64 2.86
N HIS A 20 0.93 -3.53 2.16
CA HIS A 20 0.68 -2.21 2.72
C HIS A 20 -0.80 -2.03 3.01
N MET A 21 -1.65 -2.58 2.15
CA MET A 21 -3.09 -2.49 2.32
C MET A 21 -3.59 -3.52 3.33
N LYS A 22 -2.98 -4.71 3.30
CA LYS A 22 -3.38 -5.79 4.20
C LYS A 22 -2.73 -5.66 5.57
N TYR A 23 -1.61 -4.96 5.65
CA TYR A 23 -0.96 -4.79 6.95
C TYR A 23 -1.82 -3.88 7.83
N GLY A 24 -2.68 -3.07 7.20
CA GLY A 24 -3.56 -2.18 7.95
C GLY A 24 -2.86 -0.85 8.24
N LEU A 25 -1.77 -0.59 7.54
CA LEU A 25 -1.04 0.66 7.74
C LEU A 25 -1.93 1.82 7.34
N CYS A 26 -2.66 1.65 6.24
CA CYS A 26 -3.58 2.68 5.77
C CYS A 26 -4.83 2.03 5.16
N LYS A 27 -5.94 2.09 5.90
CA LYS A 27 -7.20 1.51 5.44
C LYS A 27 -8.19 2.60 5.02
N ASN A 28 -8.54 2.62 3.74
CA ASN A 28 -9.49 3.62 3.24
C ASN A 28 -10.28 3.05 2.06
N TYR A 2 4.55 0.34 -6.11
CA TYR A 2 3.22 0.65 -6.72
C TYR A 2 2.76 2.03 -6.22
N LYS A 3 1.44 2.24 -6.17
CA LYS A 3 0.88 3.52 -5.71
C LYS A 3 -0.31 3.27 -4.79
N CYS A 4 -0.49 4.16 -3.81
CA CYS A 4 -1.60 4.04 -2.85
C CYS A 4 -2.19 5.40 -2.52
N PHE A 5 -3.51 5.50 -2.69
CA PHE A 5 -4.26 6.73 -2.43
C PHE A 5 -4.62 6.83 -0.93
N GLN A 6 -4.78 5.68 -0.28
CA GLN A 6 -5.12 5.66 1.13
C GLN A 6 -4.22 6.62 1.89
N CYS A 7 -2.97 6.65 1.48
CA CYS A 7 -1.97 7.53 2.07
C CYS A 7 -0.79 7.61 1.11
N PRO A 8 -0.16 8.74 0.95
CA PRO A 8 0.97 8.83 0.01
C PRO A 8 1.97 7.70 0.25
N PHE A 9 1.83 6.61 -0.50
CA PHE A 9 2.75 5.48 -0.37
C PHE A 9 2.97 4.81 -1.71
N THR A 10 4.20 4.32 -1.88
CA THR A 10 4.58 3.64 -3.11
C THR A 10 5.65 2.59 -2.80
N CYS A 11 5.80 1.59 -3.67
CA CYS A 11 6.78 0.54 -3.42
C CYS A 11 7.35 -0.03 -4.73
N ASN A 12 8.20 -1.02 -4.57
CA ASN A 12 8.84 -1.68 -5.71
C ASN A 12 7.81 -2.42 -6.57
N GLU A 13 6.84 -3.08 -5.93
CA GLU A 13 5.82 -3.83 -6.67
C GLU A 13 4.50 -3.89 -5.88
N LYS A 14 3.46 -4.45 -6.52
CA LYS A 14 2.15 -4.56 -5.90
C LYS A 14 2.18 -5.38 -4.61
N SER A 15 2.91 -6.48 -4.62
CA SER A 15 2.98 -7.35 -3.44
C SER A 15 3.19 -6.50 -2.18
N HIS A 16 3.90 -5.38 -2.32
CA HIS A 16 4.13 -4.50 -1.18
C HIS A 16 2.87 -3.70 -0.90
N LEU A 17 2.17 -3.34 -1.97
CA LEU A 17 0.93 -2.58 -1.83
C LEU A 17 -0.06 -3.44 -1.07
N PHE A 18 -0.08 -4.71 -1.42
CA PHE A 18 -0.95 -5.68 -0.78
C PHE A 18 -0.62 -5.74 0.71
N ASN A 19 0.67 -5.83 0.99
CA ASN A 19 1.14 -5.88 2.36
C ASN A 19 0.80 -4.57 3.05
N HIS A 20 0.99 -3.47 2.34
CA HIS A 20 0.69 -2.14 2.88
C HIS A 20 -0.80 -2.00 3.16
N MET A 21 -1.63 -2.58 2.29
CA MET A 21 -3.07 -2.52 2.47
C MET A 21 -3.55 -3.54 3.50
N LYS A 22 -2.92 -4.72 3.48
CA LYS A 22 -3.31 -5.80 4.38
C LYS A 22 -2.69 -5.64 5.76
N TYR A 23 -1.57 -4.93 5.86
CA TYR A 23 -0.95 -4.75 7.18
C TYR A 23 -1.81 -3.80 8.01
N GLY A 24 -2.73 -3.09 7.33
CA GLY A 24 -3.63 -2.16 8.02
C GLY A 24 -2.97 -0.81 8.24
N LEU A 25 -1.83 -0.59 7.61
CA LEU A 25 -1.12 0.67 7.74
C LEU A 25 -1.98 1.77 7.14
N CYS A 26 -2.61 1.45 6.01
CA CYS A 26 -3.48 2.41 5.34
C CYS A 26 -4.63 1.68 4.65
N LYS A 27 -5.84 1.82 5.20
CA LYS A 27 -7.03 1.17 4.65
C LYS A 27 -7.91 2.21 3.96
N ASN A 28 -8.59 1.80 2.88
CA ASN A 28 -9.46 2.71 2.13
C ASN A 28 -10.88 2.67 2.69
N TYR A 2 4.78 0.55 -6.08
CA TYR A 2 3.46 0.71 -6.75
C TYR A 2 2.83 2.03 -6.30
N LYS A 3 1.50 2.15 -6.44
CA LYS A 3 0.77 3.35 -6.06
C LYS A 3 -0.31 3.04 -5.03
N CYS A 4 -0.51 3.96 -4.08
CA CYS A 4 -1.53 3.77 -3.03
C CYS A 4 -2.20 5.10 -2.69
N PHE A 5 -3.52 5.12 -2.86
CA PHE A 5 -4.33 6.30 -2.58
C PHE A 5 -4.75 6.36 -1.11
N GLN A 6 -4.83 5.18 -0.46
CA GLN A 6 -5.23 5.14 0.94
C GLN A 6 -4.42 6.18 1.71
N CYS A 7 -3.18 6.33 1.31
CA CYS A 7 -2.27 7.29 1.91
C CYS A 7 -1.05 7.41 1.01
N PRO A 8 -0.45 8.57 0.87
CA PRO A 8 0.72 8.70 -0.02
C PRO A 8 1.74 7.61 0.25
N PHE A 9 1.67 6.53 -0.53
CA PHE A 9 2.62 5.42 -0.37
C PHE A 9 2.92 4.78 -1.71
N THR A 10 4.15 4.31 -1.84
CA THR A 10 4.62 3.67 -3.07
C THR A 10 5.65 2.61 -2.72
N CYS A 11 5.90 1.69 -3.64
CA CYS A 11 6.87 0.62 -3.35
C CYS A 11 7.50 0.06 -4.61
N ASN A 12 8.41 -0.89 -4.40
CA ASN A 12 9.12 -1.54 -5.49
C ASN A 12 8.16 -2.36 -6.36
N GLU A 13 7.16 -3.01 -5.74
CA GLU A 13 6.22 -3.83 -6.50
C GLU A 13 4.86 -3.97 -5.80
N LYS A 14 3.86 -4.46 -6.54
CA LYS A 14 2.51 -4.63 -6.02
C LYS A 14 2.49 -5.45 -4.74
N SER A 15 3.21 -6.56 -4.72
CA SER A 15 3.23 -7.43 -3.54
C SER A 15 3.39 -6.60 -2.27
N HIS A 16 4.06 -5.46 -2.37
CA HIS A 16 4.23 -4.58 -1.21
C HIS A 16 2.95 -3.79 -0.99
N LEU A 17 2.30 -3.43 -2.09
CA LEU A 17 1.06 -2.68 -2.02
C LEU A 17 0.02 -3.53 -1.30
N PHE A 18 0.01 -4.82 -1.64
CA PHE A 18 -0.91 -5.77 -1.03
C PHE A 18 -0.64 -5.85 0.46
N ASN A 19 0.65 -5.96 0.79
CA ASN A 19 1.06 -6.02 2.19
C ASN A 19 0.71 -4.72 2.88
N HIS A 20 0.94 -3.61 2.19
CA HIS A 20 0.64 -2.30 2.73
C HIS A 20 -0.87 -2.14 2.92
N MET A 21 -1.63 -2.69 1.98
CA MET A 21 -3.09 -2.63 2.04
C MET A 21 -3.63 -3.60 3.08
N LYS A 22 -3.00 -4.77 3.17
CA LYS A 22 -3.44 -5.82 4.09
C LYS A 22 -2.81 -5.65 5.48
N TYR A 23 -1.69 -4.95 5.57
CA TYR A 23 -1.07 -4.76 6.89
C TYR A 23 -1.95 -3.84 7.74
N GLY A 24 -2.78 -3.02 7.07
CA GLY A 24 -3.67 -2.12 7.80
C GLY A 24 -2.96 -0.83 8.16
N LEU A 25 -1.85 -0.57 7.49
CA LEU A 25 -1.09 0.65 7.75
C LEU A 25 -1.95 1.86 7.39
N CYS A 26 -2.67 1.73 6.28
CA CYS A 26 -3.54 2.81 5.81
C CYS A 26 -4.83 2.24 5.22
N LYS A 27 -5.93 2.37 5.96
CA LYS A 27 -7.23 1.88 5.50
C LYS A 27 -8.13 3.05 5.11
N ASN A 28 -8.90 2.87 4.05
CA ASN A 28 -9.81 3.91 3.58
C ASN A 28 -10.90 3.33 2.69
N TYR A 2 4.69 0.52 -5.96
CA TYR A 2 3.40 0.75 -6.67
C TYR A 2 2.82 2.10 -6.22
N LYS A 3 1.50 2.25 -6.34
CA LYS A 3 0.83 3.50 -5.96
C LYS A 3 -0.33 3.21 -5.00
N CYS A 4 -0.47 4.06 -3.98
CA CYS A 4 -1.54 3.90 -2.99
C CYS A 4 -2.17 5.25 -2.66
N PHE A 5 -3.48 5.34 -2.88
CA PHE A 5 -4.25 6.56 -2.62
C PHE A 5 -4.68 6.65 -1.16
N GLN A 6 -4.84 5.50 -0.51
CA GLN A 6 -5.26 5.50 0.90
C GLN A 6 -4.37 6.45 1.69
N CYS A 7 -3.10 6.46 1.34
CA CYS A 7 -2.13 7.33 1.98
C CYS A 7 -0.93 7.46 1.05
N PRO A 8 -0.33 8.62 0.91
CA PRO A 8 0.82 8.75 0.00
C PRO A 8 1.85 7.66 0.26
N PHE A 9 1.77 6.58 -0.52
CA PHE A 9 2.70 5.47 -0.35
C PHE A 9 2.98 4.80 -1.68
N THR A 10 4.22 4.33 -1.83
CA THR A 10 4.65 3.66 -3.05
C THR A 10 5.69 2.61 -2.72
N CYS A 11 5.87 1.63 -3.60
CA CYS A 11 6.84 0.56 -3.33
C CYS A 11 7.44 -0.01 -4.61
N ASN A 12 8.33 -0.98 -4.44
CA ASN A 12 8.98 -1.63 -5.57
C ASN A 12 7.98 -2.39 -6.44
N GLU A 13 7.03 -3.10 -5.81
CA GLU A 13 6.03 -3.85 -6.57
C GLU A 13 4.69 -3.94 -5.83
N LYS A 14 3.66 -4.42 -6.56
CA LYS A 14 2.33 -4.55 -5.98
C LYS A 14 2.33 -5.41 -4.72
N SER A 15 3.02 -6.53 -4.76
CA SER A 15 3.08 -7.42 -3.60
C SER A 15 3.25 -6.61 -2.31
N HIS A 16 3.97 -5.49 -2.40
CA HIS A 16 4.18 -4.64 -1.23
C HIS A 16 2.93 -3.82 -0.96
N LEU A 17 2.25 -3.43 -2.04
CA LEU A 17 1.03 -2.66 -1.93
C LEU A 17 0.00 -3.49 -1.19
N PHE A 18 -0.04 -4.77 -1.52
CA PHE A 18 -0.95 -5.71 -0.90
C PHE A 18 -0.63 -5.78 0.59
N ASN A 19 0.65 -5.88 0.88
CA ASN A 19 1.11 -5.93 2.26
C ASN A 19 0.77 -4.62 2.96
N HIS A 20 0.97 -3.52 2.24
CA HIS A 20 0.68 -2.20 2.77
C HIS A 20 -0.82 -2.05 3.04
N MET A 21 -1.63 -2.66 2.19
CA MET A 21 -3.09 -2.59 2.35
C MET A 21 -3.57 -3.61 3.38
N LYS A 22 -2.96 -4.79 3.36
CA LYS A 22 -3.33 -5.87 4.27
C LYS A 22 -2.73 -5.68 5.66
N TYR A 23 -1.60 -4.98 5.75
CA TYR A 23 -0.99 -4.78 7.07
C TYR A 23 -1.86 -3.81 7.87
N GLY A 24 -2.73 -3.07 7.18
CA GLY A 24 -3.63 -2.13 7.85
C GLY A 24 -2.93 -0.82 8.15
N LEU A 25 -1.81 -0.59 7.49
CA LEU A 25 -1.06 0.65 7.68
C LEU A 25 -1.92 1.81 7.23
N CYS A 26 -2.62 1.61 6.11
CA CYS A 26 -3.51 2.64 5.58
C CYS A 26 -4.76 1.99 4.99
N LYS A 27 -5.89 2.17 5.68
CA LYS A 27 -7.17 1.61 5.23
C LYS A 27 -8.07 2.70 4.63
N ASN A 28 -8.90 2.31 3.67
CA ASN A 28 -9.82 3.25 3.01
C ASN A 28 -11.18 2.60 2.80
N TYR A 2 4.72 0.61 -5.75
CA TYR A 2 3.45 0.76 -6.52
C TYR A 2 2.81 2.10 -6.15
N LYS A 3 1.49 2.18 -6.31
CA LYS A 3 0.76 3.42 -6.02
C LYS A 3 -0.37 3.14 -5.01
N CYS A 4 -0.49 4.01 -4.00
CA CYS A 4 -1.53 3.86 -2.99
C CYS A 4 -2.20 5.20 -2.72
N PHE A 5 -3.52 5.21 -2.94
CA PHE A 5 -4.33 6.41 -2.75
C PHE A 5 -4.77 6.58 -1.30
N GLN A 6 -4.90 5.48 -0.57
CA GLN A 6 -5.33 5.55 0.84
C GLN A 6 -4.47 6.56 1.58
N CYS A 7 -3.17 6.51 1.32
CA CYS A 7 -2.22 7.42 1.94
C CYS A 7 -1.00 7.50 1.03
N PRO A 8 -0.40 8.65 0.82
CA PRO A 8 0.75 8.74 -0.09
C PRO A 8 1.77 7.64 0.22
N PHE A 9 1.68 6.53 -0.52
CA PHE A 9 2.60 5.41 -0.32
C PHE A 9 2.91 4.74 -1.65
N THR A 10 4.15 4.28 -1.76
CA THR A 10 4.61 3.60 -2.96
C THR A 10 5.63 2.55 -2.60
N CYS A 11 5.89 1.62 -3.52
CA CYS A 11 6.86 0.56 -3.23
C CYS A 11 7.48 -0.02 -4.50
N ASN A 12 8.34 -1.01 -4.31
CA ASN A 12 9.02 -1.66 -5.43
C ASN A 12 8.03 -2.39 -6.33
N GLU A 13 7.03 -3.06 -5.74
CA GLU A 13 6.06 -3.79 -6.54
C GLU A 13 4.69 -3.92 -5.83
N LYS A 14 3.70 -4.44 -6.57
CA LYS A 14 2.34 -4.58 -6.04
C LYS A 14 2.30 -5.42 -4.77
N SER A 15 3.02 -6.53 -4.75
CA SER A 15 3.03 -7.41 -3.59
C SER A 15 3.21 -6.61 -2.28
N HIS A 16 4.00 -5.53 -2.33
CA HIS A 16 4.22 -4.70 -1.16
C HIS A 16 2.99 -3.83 -0.92
N LEU A 17 2.36 -3.41 -2.01
CA LEU A 17 1.18 -2.57 -1.94
C LEU A 17 0.07 -3.36 -1.25
N PHE A 18 -0.06 -4.60 -1.66
CA PHE A 18 -1.05 -5.50 -1.10
C PHE A 18 -0.79 -5.66 0.38
N ASN A 19 0.48 -5.86 0.70
CA ASN A 19 0.91 -6.00 2.09
C ASN A 19 0.63 -4.70 2.83
N HIS A 20 0.91 -3.59 2.15
CA HIS A 20 0.68 -2.28 2.75
C HIS A 20 -0.81 -2.08 3.04
N MET A 21 -1.66 -2.60 2.15
CA MET A 21 -3.11 -2.49 2.33
C MET A 21 -3.61 -3.48 3.38
N LYS A 22 -3.05 -4.68 3.34
CA LYS A 22 -3.45 -5.75 4.27
C LYS A 22 -2.76 -5.62 5.62
N TYR A 23 -1.61 -4.96 5.66
CA TYR A 23 -0.93 -4.80 6.95
C TYR A 23 -1.75 -3.86 7.84
N GLY A 24 -2.62 -3.06 7.20
CA GLY A 24 -3.48 -2.14 7.94
C GLY A 24 -2.79 -0.82 8.24
N LEU A 25 -1.67 -0.58 7.56
CA LEU A 25 -0.93 0.67 7.75
C LEU A 25 -1.81 1.84 7.33
N CYS A 26 -2.52 1.64 6.21
CA CYS A 26 -3.42 2.68 5.70
C CYS A 26 -4.64 2.02 5.06
N LYS A 27 -5.79 2.13 5.74
CA LYS A 27 -7.04 1.53 5.24
C LYS A 27 -7.98 2.61 4.72
N ASN A 28 -8.75 2.27 3.68
CA ASN A 28 -9.71 3.22 3.09
C ASN A 28 -11.06 2.53 2.89
N TYR A 2 4.48 0.64 -5.79
CA TYR A 2 3.21 0.78 -6.55
C TYR A 2 2.55 2.10 -6.17
N LYS A 3 1.23 2.21 -6.36
CA LYS A 3 0.50 3.44 -6.04
C LYS A 3 -0.52 3.19 -4.92
N CYS A 4 -0.52 4.09 -3.93
CA CYS A 4 -1.44 4.00 -2.80
C CYS A 4 -2.06 5.35 -2.50
N PHE A 5 -3.39 5.42 -2.69
CA PHE A 5 -4.14 6.65 -2.46
C PHE A 5 -4.61 6.74 -1.01
N GLN A 6 -4.72 5.61 -0.33
CA GLN A 6 -5.15 5.60 1.08
C GLN A 6 -4.27 6.56 1.86
N CYS A 7 -2.97 6.50 1.57
CA CYS A 7 -1.99 7.36 2.22
C CYS A 7 -0.79 7.50 1.28
N PRO A 8 -0.18 8.66 1.18
CA PRO A 8 0.96 8.81 0.25
C PRO A 8 1.99 7.70 0.46
N PHE A 9 1.90 6.66 -0.37
CA PHE A 9 2.83 5.54 -0.27
C PHE A 9 3.06 4.91 -1.62
N THR A 10 4.28 4.42 -1.81
CA THR A 10 4.68 3.77 -3.06
C THR A 10 5.69 2.69 -2.77
N CYS A 11 5.81 1.70 -3.65
CA CYS A 11 6.74 0.60 -3.41
C CYS A 11 7.30 0.00 -4.70
N ASN A 12 8.19 -0.96 -4.53
CA ASN A 12 8.82 -1.65 -5.65
C ASN A 12 7.82 -2.45 -6.47
N GLU A 13 6.83 -3.06 -5.82
CA GLU A 13 5.85 -3.85 -6.57
C GLU A 13 4.50 -4.01 -5.83
N LYS A 14 3.49 -4.46 -6.57
CA LYS A 14 2.14 -4.65 -6.03
C LYS A 14 2.14 -5.46 -4.74
N SER A 15 2.90 -6.55 -4.71
CA SER A 15 2.94 -7.40 -3.52
C SER A 15 3.12 -6.58 -2.25
N HIS A 16 3.82 -5.45 -2.36
CA HIS A 16 4.05 -4.59 -1.21
C HIS A 16 2.81 -3.75 -0.93
N LEU A 17 2.10 -3.38 -1.99
CA LEU A 17 0.88 -2.58 -1.86
C LEU A 17 -0.15 -3.39 -1.09
N PHE A 18 -0.22 -4.68 -1.42
CA PHE A 18 -1.13 -5.60 -0.76
C PHE A 18 -0.76 -5.69 0.70
N ASN A 19 0.53 -5.86 0.95
CA ASN A 19 1.04 -5.95 2.31
C ASN A 19 0.77 -4.63 3.03
N HIS A 20 0.97 -3.53 2.32
CA HIS A 20 0.74 -2.20 2.89
C HIS A 20 -0.74 -2.00 3.19
N MET A 21 -1.61 -2.52 2.33
CA MET A 21 -3.05 -2.39 2.55
C MET A 21 -3.51 -3.41 3.60
N LYS A 22 -2.95 -4.61 3.52
CA LYS A 22 -3.32 -5.70 4.44
C LYS A 22 -2.67 -5.54 5.81
N TYR A 23 -1.53 -4.85 5.87
CA TYR A 23 -0.87 -4.67 7.17
C TYR A 23 -1.72 -3.71 8.01
N GLY A 24 -2.63 -2.98 7.36
CA GLY A 24 -3.52 -2.06 8.07
C GLY A 24 -2.88 -0.70 8.26
N LEU A 25 -1.75 -0.48 7.60
CA LEU A 25 -1.06 0.80 7.70
C LEU A 25 -1.94 1.88 7.10
N CYS A 26 -2.58 1.55 5.97
CA CYS A 26 -3.47 2.48 5.30
C CYS A 26 -4.58 1.72 4.57
N LYS A 27 -5.81 1.79 5.11
CA LYS A 27 -6.95 1.11 4.51
C LYS A 27 -7.89 2.08 3.81
N ASN A 28 -8.44 1.67 2.68
CA ASN A 28 -9.36 2.51 1.91
C ASN A 28 -10.79 2.34 2.44
N TYR A 2 4.50 0.46 -6.21
CA TYR A 2 3.11 0.70 -6.69
C TYR A 2 2.65 2.07 -6.21
N LYS A 3 1.33 2.27 -6.18
CA LYS A 3 0.74 3.54 -5.75
C LYS A 3 -0.39 3.31 -4.75
N CYS A 4 -0.51 4.22 -3.78
CA CYS A 4 -1.56 4.11 -2.77
C CYS A 4 -2.17 5.49 -2.49
N PHE A 5 -3.50 5.55 -2.69
CA PHE A 5 -4.26 6.78 -2.49
C PHE A 5 -4.69 6.94 -1.03
N GLN A 6 -4.86 5.82 -0.33
CA GLN A 6 -5.28 5.86 1.07
C GLN A 6 -4.34 6.77 1.84
N CYS A 7 -3.05 6.64 1.55
CA CYS A 7 -2.03 7.44 2.18
C CYS A 7 -0.84 7.54 1.23
N PRO A 8 -0.20 8.68 1.12
CA PRO A 8 0.95 8.79 0.19
C PRO A 8 1.94 7.66 0.42
N PHE A 9 1.81 6.59 -0.36
CA PHE A 9 2.72 5.45 -0.24
C PHE A 9 2.94 4.79 -1.60
N THR A 10 4.17 4.32 -1.80
CA THR A 10 4.54 3.66 -3.05
C THR A 10 5.59 2.59 -2.76
N CYS A 11 5.77 1.66 -3.68
CA CYS A 11 6.73 0.58 -3.46
C CYS A 11 7.27 0.01 -4.77
N ASN A 12 8.13 -0.99 -4.63
CA ASN A 12 8.73 -1.66 -5.79
C ASN A 12 7.69 -2.42 -6.60
N GLU A 13 6.73 -3.06 -5.92
CA GLU A 13 5.71 -3.82 -6.64
C GLU A 13 4.41 -3.96 -5.82
N LYS A 14 3.37 -4.49 -6.47
CA LYS A 14 2.07 -4.67 -5.83
C LYS A 14 2.19 -5.48 -4.54
N SER A 15 2.90 -6.59 -4.58
CA SER A 15 3.05 -7.44 -3.40
C SER A 15 3.26 -6.59 -2.14
N HIS A 16 3.94 -5.45 -2.30
CA HIS A 16 4.19 -4.57 -1.17
C HIS A 16 2.94 -3.73 -0.90
N LEU A 17 2.23 -3.35 -1.97
CA LEU A 17 1.03 -2.55 -1.80
C LEU A 17 0.01 -3.38 -1.03
N PHE A 18 -0.11 -4.62 -1.43
CA PHE A 18 -1.02 -5.55 -0.79
C PHE A 18 -0.67 -5.67 0.69
N ASN A 19 0.62 -5.81 0.93
CA ASN A 19 1.12 -5.90 2.29
C ASN A 19 0.85 -4.60 3.02
N HIS A 20 1.03 -3.49 2.32
CA HIS A 20 0.79 -2.18 2.90
C HIS A 20 -0.69 -2.02 3.25
N MET A 21 -1.55 -2.62 2.44
CA MET A 21 -3.00 -2.56 2.69
C MET A 21 -3.41 -3.59 3.73
N LYS A 22 -2.92 -4.81 3.56
CA LYS A 22 -3.25 -5.92 4.46
C LYS A 22 -2.69 -5.71 5.86
N TYR A 23 -1.55 -5.03 5.97
CA TYR A 23 -0.97 -4.82 7.30
C TYR A 23 -1.84 -3.81 8.06
N GLY A 24 -2.70 -3.08 7.33
CA GLY A 24 -3.60 -2.11 7.95
C GLY A 24 -2.92 -0.77 8.14
N LEU A 25 -1.77 -0.60 7.52
CA LEU A 25 -1.04 0.65 7.64
C LEU A 25 -1.88 1.77 7.04
N CYS A 26 -2.53 1.45 5.92
CA CYS A 26 -3.39 2.41 5.24
C CYS A 26 -4.55 1.69 4.55
N LYS A 27 -5.76 1.91 5.04
CA LYS A 27 -6.97 1.27 4.48
C LYS A 27 -7.78 2.26 3.67
N ASN A 28 -8.37 1.79 2.56
CA ASN A 28 -9.18 2.64 1.69
C ASN A 28 -10.62 2.67 2.19
N TYR A 2 4.58 0.42 -5.96
CA TYR A 2 3.25 0.70 -6.59
C TYR A 2 2.78 2.08 -6.14
N LYS A 3 1.46 2.28 -6.08
CA LYS A 3 0.91 3.56 -5.68
C LYS A 3 -0.36 3.38 -4.84
N CYS A 4 -0.43 4.11 -3.73
CA CYS A 4 -1.58 4.04 -2.81
C CYS A 4 -2.12 5.44 -2.53
N PHE A 5 -3.41 5.59 -2.81
CA PHE A 5 -4.11 6.86 -2.60
C PHE A 5 -4.53 7.04 -1.14
N GLN A 6 -4.73 5.94 -0.44
CA GLN A 6 -5.18 6.02 0.95
C GLN A 6 -4.24 6.92 1.73
N CYS A 7 -2.95 6.75 1.47
CA CYS A 7 -1.92 7.55 2.11
C CYS A 7 -0.72 7.62 1.18
N PRO A 8 -0.07 8.75 1.02
CA PRO A 8 1.09 8.83 0.08
C PRO A 8 2.05 7.67 0.33
N PHE A 9 1.90 6.61 -0.46
CA PHE A 9 2.77 5.44 -0.32
C PHE A 9 3.02 4.81 -1.68
N THR A 10 4.23 4.28 -1.83
CA THR A 10 4.64 3.62 -3.07
C THR A 10 5.64 2.52 -2.74
N CYS A 11 5.84 1.58 -3.66
CA CYS A 11 6.78 0.49 -3.41
C CYS A 11 7.34 -0.09 -4.70
N ASN A 12 8.16 -1.13 -4.54
CA ASN A 12 8.78 -1.82 -5.67
C ASN A 12 7.74 -2.52 -6.54
N GLU A 13 6.74 -3.15 -5.91
CA GLU A 13 5.71 -3.84 -6.69
C GLU A 13 4.37 -3.92 -5.91
N LYS A 14 3.34 -4.46 -6.59
CA LYS A 14 2.00 -4.57 -6.00
C LYS A 14 2.01 -5.36 -4.70
N SER A 15 2.71 -6.49 -4.70
CA SER A 15 2.76 -7.34 -3.50
C SER A 15 3.00 -6.51 -2.25
N HIS A 16 3.84 -5.48 -2.36
CA HIS A 16 4.10 -4.63 -1.21
C HIS A 16 2.90 -3.74 -0.93
N LEU A 17 2.22 -3.33 -2.00
CA LEU A 17 1.04 -2.49 -1.85
C LEU A 17 -0.01 -3.28 -1.07
N PHE A 18 -0.15 -4.53 -1.46
CA PHE A 18 -1.08 -5.44 -0.83
C PHE A 18 -0.73 -5.55 0.64
N ASN A 19 0.55 -5.71 0.91
CA ASN A 19 1.03 -5.81 2.28
C ASN A 19 0.76 -4.49 2.99
N HIS A 20 0.98 -3.39 2.28
CA HIS A 20 0.75 -2.07 2.85
C HIS A 20 -0.73 -1.89 3.21
N MET A 21 -1.60 -2.50 2.41
CA MET A 21 -3.03 -2.42 2.65
C MET A 21 -3.48 -3.45 3.70
N LYS A 22 -2.89 -4.64 3.62
CA LYS A 22 -3.24 -5.73 4.53
C LYS A 22 -2.57 -5.57 5.89
N TYR A 23 -1.45 -4.87 5.94
CA TYR A 23 -0.77 -4.68 7.23
C TYR A 23 -1.62 -3.74 8.09
N GLY A 24 -2.54 -3.02 7.45
CA GLY A 24 -3.43 -2.10 8.18
C GLY A 24 -2.82 -0.71 8.31
N LEU A 25 -1.73 -0.48 7.61
CA LEU A 25 -1.09 0.83 7.67
C LEU A 25 -2.05 1.87 7.11
N CYS A 26 -2.73 1.48 6.05
CA CYS A 26 -3.71 2.35 5.41
C CYS A 26 -4.78 1.50 4.71
N LYS A 27 -6.02 1.57 5.22
CA LYS A 27 -7.12 0.80 4.64
C LYS A 27 -8.07 1.71 3.86
N ASN A 28 -8.51 1.22 2.70
CA ASN A 28 -9.43 1.99 1.84
C ASN A 28 -10.89 1.68 2.19
N TYR A 2 4.70 0.59 -6.02
CA TYR A 2 3.40 0.79 -6.72
C TYR A 2 2.82 2.13 -6.30
N LYS A 3 1.50 2.29 -6.47
CA LYS A 3 0.82 3.52 -6.10
C LYS A 3 -0.28 3.23 -5.08
N CYS A 4 -0.42 4.11 -4.08
CA CYS A 4 -1.43 3.92 -3.04
C CYS A 4 -2.09 5.25 -2.68
N PHE A 5 -3.40 5.31 -2.89
CA PHE A 5 -4.19 6.50 -2.60
C PHE A 5 -4.61 6.53 -1.14
N GLN A 6 -4.74 5.35 -0.52
CA GLN A 6 -5.15 5.28 0.88
C GLN A 6 -4.33 6.26 1.70
N CYS A 7 -3.06 6.37 1.33
CA CYS A 7 -2.14 7.29 1.98
C CYS A 7 -0.91 7.43 1.11
N PRO A 8 -0.33 8.59 0.98
CA PRO A 8 0.85 8.74 0.10
C PRO A 8 1.86 7.63 0.37
N PHE A 9 1.79 6.57 -0.44
CA PHE A 9 2.70 5.44 -0.29
C PHE A 9 2.98 4.80 -1.64
N THR A 10 4.22 4.34 -1.80
CA THR A 10 4.64 3.70 -3.04
C THR A 10 5.66 2.61 -2.71
N CYS A 11 5.87 1.67 -3.62
CA CYS A 11 6.81 0.59 -3.36
C CYS A 11 7.42 0.01 -4.64
N ASN A 12 8.30 -0.97 -4.46
CA ASN A 12 8.96 -1.62 -5.58
C ASN A 12 7.96 -2.39 -6.44
N GLU A 13 7.00 -3.08 -5.82
CA GLU A 13 6.01 -3.85 -6.59
C GLU A 13 4.66 -3.95 -5.85
N LYS A 14 3.64 -4.43 -6.57
CA LYS A 14 2.30 -4.57 -6.01
C LYS A 14 2.30 -5.41 -4.73
N SER A 15 3.01 -6.54 -4.75
CA SER A 15 3.05 -7.41 -3.58
C SER A 15 3.24 -6.59 -2.30
N HIS A 16 3.96 -5.47 -2.39
CA HIS A 16 4.16 -4.63 -1.23
C HIS A 16 2.91 -3.82 -0.96
N LEU A 17 2.23 -3.43 -2.04
CA LEU A 17 1.00 -2.66 -1.90
C LEU A 17 -0.02 -3.50 -1.17
N PHE A 18 -0.06 -4.77 -1.52
CA PHE A 18 -0.97 -5.73 -0.91
C PHE A 18 -0.66 -5.82 0.57
N ASN A 19 0.63 -5.94 0.88
CA ASN A 19 1.08 -6.01 2.25
C ASN A 19 0.77 -4.70 2.97
N HIS A 20 1.00 -3.59 2.27
CA HIS A 20 0.73 -2.28 2.84
C HIS A 20 -0.76 -2.10 3.08
N MET A 21 -1.57 -2.61 2.14
CA MET A 21 -3.01 -2.53 2.25
C MET A 21 -3.54 -3.50 3.31
N LYS A 22 -2.94 -4.69 3.34
CA LYS A 22 -3.36 -5.75 4.27
C LYS A 22 -2.72 -5.58 5.64
N TYR A 23 -1.60 -4.87 5.72
CA TYR A 23 -0.95 -4.68 7.02
C TYR A 23 -1.82 -3.75 7.88
N GLY A 24 -2.72 -3.00 7.23
CA GLY A 24 -3.60 -2.10 7.97
C GLY A 24 -2.93 -0.76 8.25
N LEU A 25 -1.82 -0.51 7.56
CA LEU A 25 -1.10 0.74 7.74
C LEU A 25 -1.98 1.89 7.30
N CYS A 26 -2.70 1.68 6.19
CA CYS A 26 -3.60 2.69 5.66
C CYS A 26 -4.80 2.03 4.99
N LYS A 27 -5.96 2.11 5.66
CA LYS A 27 -7.19 1.53 5.12
C LYS A 27 -8.13 2.62 4.62
N ASN A 28 -8.94 2.29 3.61
CA ASN A 28 -9.90 3.24 3.04
C ASN A 28 -11.24 2.56 2.81
N TYR A 2 4.48 0.47 -5.73
CA TYR A 2 3.22 0.66 -6.49
C TYR A 2 2.65 2.05 -6.14
N LYS A 3 1.33 2.22 -6.30
CA LYS A 3 0.68 3.49 -6.00
C LYS A 3 -0.42 3.31 -4.95
N CYS A 4 -0.49 4.24 -4.00
CA CYS A 4 -1.51 4.18 -2.94
C CYS A 4 -2.06 5.56 -2.65
N PHE A 5 -3.37 5.71 -2.86
CA PHE A 5 -4.05 6.98 -2.64
C PHE A 5 -4.52 7.12 -1.19
N GLN A 6 -4.78 5.99 -0.53
CA GLN A 6 -5.25 6.03 0.86
C GLN A 6 -4.30 6.88 1.69
N CYS A 7 -3.02 6.72 1.44
CA CYS A 7 -2.00 7.49 2.13
C CYS A 7 -0.76 7.58 1.23
N PRO A 8 -0.11 8.71 1.15
CA PRO A 8 1.07 8.81 0.25
C PRO A 8 2.02 7.64 0.46
N PHE A 9 1.90 6.61 -0.38
CA PHE A 9 2.77 5.45 -0.26
C PHE A 9 3.00 4.82 -1.62
N THR A 10 4.21 4.29 -1.79
CA THR A 10 4.59 3.63 -3.03
C THR A 10 5.62 2.55 -2.73
N CYS A 11 5.79 1.59 -3.63
CA CYS A 11 6.74 0.51 -3.40
C CYS A 11 7.29 -0.04 -4.71
N ASN A 12 8.18 -1.04 -4.57
CA ASN A 12 8.79 -1.68 -5.72
C ASN A 12 7.77 -2.44 -6.56
N GLU A 13 6.81 -3.11 -5.91
CA GLU A 13 5.80 -3.87 -6.65
C GLU A 13 4.47 -3.97 -5.87
N LYS A 14 3.44 -4.52 -6.54
CA LYS A 14 2.11 -4.63 -5.93
C LYS A 14 2.14 -5.45 -4.64
N SER A 15 2.84 -6.58 -4.65
CA SER A 15 2.90 -7.44 -3.48
C SER A 15 3.14 -6.61 -2.22
N HIS A 16 3.89 -5.52 -2.34
CA HIS A 16 4.16 -4.66 -1.19
C HIS A 16 2.95 -3.80 -0.89
N LEU A 17 2.24 -3.40 -1.95
CA LEU A 17 1.06 -2.57 -1.79
C LEU A 17 0.04 -3.36 -0.99
N PHE A 18 -0.08 -4.63 -1.36
CA PHE A 18 -0.99 -5.55 -0.71
C PHE A 18 -0.61 -5.64 0.76
N ASN A 19 0.68 -5.75 1.00
CA ASN A 19 1.20 -5.82 2.36
C ASN A 19 0.90 -4.51 3.06
N HIS A 20 1.06 -3.41 2.34
CA HIS A 20 0.79 -2.09 2.90
C HIS A 20 -0.69 -1.94 3.25
N MET A 21 -1.55 -2.54 2.45
CA MET A 21 -2.99 -2.49 2.70
C MET A 21 -3.42 -3.53 3.72
N LYS A 22 -2.83 -4.72 3.62
CA LYS A 22 -3.16 -5.82 4.50
C LYS A 22 -2.56 -5.63 5.89
N TYR A 23 -1.44 -4.92 5.99
CA TYR A 23 -0.82 -4.71 7.30
C TYR A 23 -1.72 -3.77 8.12
N GLY A 24 -2.63 -3.07 7.42
CA GLY A 24 -3.55 -2.16 8.09
C GLY A 24 -2.99 -0.75 8.18
N LEU A 25 -1.86 -0.52 7.54
CA LEU A 25 -1.25 0.80 7.56
C LEU A 25 -2.18 1.77 6.86
N CYS A 26 -2.77 1.32 5.75
CA CYS A 26 -3.71 2.13 4.99
C CYS A 26 -4.65 1.25 4.17
N LYS A 27 -5.92 1.20 4.58
CA LYS A 27 -6.92 0.39 3.89
C LYS A 27 -7.77 1.26 2.96
N ASN A 28 -8.21 0.67 1.84
CA ASN A 28 -9.04 1.39 0.86
C ASN A 28 -10.46 0.85 0.87
N TYR A 2 4.65 0.63 -5.74
CA TYR A 2 3.40 0.76 -6.54
C TYR A 2 2.73 2.08 -6.19
N LYS A 3 1.41 2.19 -6.41
CA LYS A 3 0.67 3.43 -6.13
C LYS A 3 -0.41 3.18 -5.08
N CYS A 4 -0.49 4.07 -4.10
CA CYS A 4 -1.48 3.96 -3.03
C CYS A 4 -2.14 5.30 -2.75
N PHE A 5 -3.46 5.33 -2.96
CA PHE A 5 -4.26 6.54 -2.76
C PHE A 5 -4.73 6.62 -1.30
N GLN A 6 -4.85 5.47 -0.64
CA GLN A 6 -5.28 5.43 0.76
C GLN A 6 -4.46 6.41 1.57
N CYS A 7 -3.17 6.47 1.26
CA CYS A 7 -2.26 7.39 1.91
C CYS A 7 -1.01 7.49 1.03
N PRO A 8 -0.40 8.64 0.91
CA PRO A 8 0.79 8.76 0.02
C PRO A 8 1.78 7.63 0.32
N PHE A 9 1.71 6.56 -0.47
CA PHE A 9 2.63 5.44 -0.29
C PHE A 9 2.93 4.78 -1.64
N THR A 10 4.15 4.27 -1.75
CA THR A 10 4.59 3.61 -2.97
C THR A 10 5.62 2.54 -2.62
N CYS A 11 5.86 1.62 -3.55
CA CYS A 11 6.82 0.55 -3.27
C CYS A 11 7.43 -0.01 -4.55
N ASN A 12 8.33 -0.98 -4.38
CA ASN A 12 9.00 -1.62 -5.50
C ASN A 12 7.99 -2.38 -6.37
N GLU A 13 7.04 -3.08 -5.75
CA GLU A 13 6.06 -3.86 -6.51
C GLU A 13 4.70 -3.96 -5.78
N LYS A 14 3.67 -4.42 -6.52
CA LYS A 14 2.32 -4.55 -5.96
C LYS A 14 2.30 -5.39 -4.70
N SER A 15 3.01 -6.51 -4.72
CA SER A 15 3.04 -7.39 -3.56
C SER A 15 3.22 -6.59 -2.27
N HIS A 16 4.00 -5.51 -2.33
CA HIS A 16 4.20 -4.68 -1.16
C HIS A 16 2.97 -3.81 -0.92
N LEU A 17 2.35 -3.37 -2.01
CA LEU A 17 1.15 -2.55 -1.94
C LEU A 17 0.05 -3.35 -1.24
N PHE A 18 -0.06 -4.61 -1.65
CA PHE A 18 -1.03 -5.52 -1.08
C PHE A 18 -0.77 -5.65 0.41
N ASN A 19 0.50 -5.83 0.73
CA ASN A 19 0.92 -5.95 2.12
C ASN A 19 0.63 -4.65 2.85
N HIS A 20 0.89 -3.55 2.16
CA HIS A 20 0.65 -2.22 2.74
C HIS A 20 -0.82 -2.06 3.07
N MET A 21 -1.69 -2.60 2.23
CA MET A 21 -3.13 -2.50 2.45
C MET A 21 -3.59 -3.53 3.48
N LYS A 22 -3.04 -4.73 3.40
CA LYS A 22 -3.41 -5.82 4.31
C LYS A 22 -2.73 -5.68 5.67
N TYR A 23 -1.59 -5.01 5.73
CA TYR A 23 -0.92 -4.85 7.02
C TYR A 23 -1.75 -3.90 7.90
N GLY A 24 -2.62 -3.10 7.27
CA GLY A 24 -3.48 -2.18 8.00
C GLY A 24 -2.77 -0.85 8.27
N LEU A 25 -1.68 -0.62 7.56
CA LEU A 25 -0.94 0.62 7.72
C LEU A 25 -1.82 1.78 7.30
N CYS A 26 -2.55 1.59 6.21
CA CYS A 26 -3.46 2.60 5.70
C CYS A 26 -4.66 1.96 5.02
N LYS A 27 -5.82 2.03 5.68
CA LYS A 27 -7.05 1.46 5.14
C LYS A 27 -7.98 2.57 4.64
N ASN A 28 -8.70 2.32 3.54
CA ASN A 28 -9.62 3.32 2.98
C ASN A 28 -10.99 2.69 2.75
N TYR A 2 4.67 0.57 -6.08
CA TYR A 2 3.32 0.74 -6.68
C TYR A 2 2.75 2.08 -6.23
N LYS A 3 1.42 2.22 -6.29
CA LYS A 3 0.75 3.46 -5.90
C LYS A 3 -0.39 3.18 -4.93
N CYS A 4 -0.52 4.04 -3.91
CA CYS A 4 -1.57 3.88 -2.90
C CYS A 4 -2.23 5.22 -2.59
N PHE A 5 -3.55 5.24 -2.76
CA PHE A 5 -4.36 6.45 -2.52
C PHE A 5 -4.75 6.56 -1.04
N GLN A 6 -4.82 5.42 -0.36
CA GLN A 6 -5.20 5.43 1.06
C GLN A 6 -4.33 6.44 1.80
N CYS A 7 -3.06 6.44 1.45
CA CYS A 7 -2.10 7.37 2.05
C CYS A 7 -0.89 7.47 1.12
N PRO A 8 -0.32 8.64 0.92
CA PRO A 8 0.82 8.75 0.00
C PRO A 8 1.84 7.65 0.25
N PHE A 9 1.74 6.57 -0.52
CA PHE A 9 2.68 5.46 -0.36
C PHE A 9 2.94 4.79 -1.70
N THR A 10 4.16 4.34 -1.86
CA THR A 10 4.59 3.66 -3.09
C THR A 10 5.64 2.61 -2.73
N CYS A 11 5.86 1.66 -3.64
CA CYS A 11 6.83 0.60 -3.36
C CYS A 11 7.41 -0.01 -4.62
N ASN A 12 8.27 -1.01 -4.43
CA ASN A 12 8.93 -1.70 -5.55
C ASN A 12 7.92 -2.44 -6.42
N GLU A 13 6.91 -3.09 -5.81
CA GLU A 13 5.92 -3.82 -6.60
C GLU A 13 4.58 -3.98 -5.87
N LYS A 14 3.57 -4.49 -6.60
CA LYS A 14 2.22 -4.66 -6.07
C LYS A 14 2.22 -5.43 -4.75
N SER A 15 2.97 -6.53 -4.69
CA SER A 15 3.01 -7.35 -3.48
C SER A 15 3.20 -6.50 -2.22
N HIS A 16 4.05 -5.48 -2.31
CA HIS A 16 4.27 -4.62 -1.15
C HIS A 16 3.05 -3.76 -0.91
N LEU A 17 2.39 -3.36 -2.00
CA LEU A 17 1.21 -2.54 -1.89
C LEU A 17 0.13 -3.35 -1.16
N PHE A 18 0.02 -4.59 -1.57
CA PHE A 18 -0.93 -5.51 -0.97
C PHE A 18 -0.65 -5.64 0.51
N ASN A 19 0.62 -5.82 0.83
CA ASN A 19 1.05 -5.93 2.21
C ASN A 19 0.73 -4.63 2.94
N HIS A 20 0.98 -3.52 2.25
CA HIS A 20 0.71 -2.21 2.82
C HIS A 20 -0.79 -2.03 3.09
N MET A 21 -1.62 -2.62 2.22
CA MET A 21 -3.07 -2.55 2.38
C MET A 21 -3.56 -3.56 3.41
N LYS A 22 -2.97 -4.75 3.38
CA LYS A 22 -3.37 -5.83 4.27
C LYS A 22 -2.74 -5.69 5.66
N TYR A 23 -1.62 -4.97 5.75
CA TYR A 23 -1.00 -4.78 7.07
C TYR A 23 -1.86 -3.84 7.91
N GLY A 24 -2.73 -3.07 7.25
CA GLY A 24 -3.62 -2.15 7.96
C GLY A 24 -2.92 -0.83 8.24
N LEU A 25 -1.81 -0.60 7.57
CA LEU A 25 -1.07 0.65 7.76
C LEU A 25 -1.93 1.80 7.28
N CYS A 26 -2.61 1.59 6.16
CA CYS A 26 -3.50 2.61 5.59
C CYS A 26 -4.71 1.95 4.92
N LYS A 27 -5.89 2.11 5.53
CA LYS A 27 -7.13 1.53 5.01
C LYS A 27 -8.00 2.61 4.38
N ASN A 28 -8.62 2.28 3.25
CA ASN A 28 -9.49 3.23 2.55
C ASN A 28 -10.78 3.44 3.34
N TYR A 2 4.64 0.58 -6.09
CA TYR A 2 3.28 0.73 -6.68
C TYR A 2 2.68 2.07 -6.23
N LYS A 3 1.37 2.23 -6.47
CA LYS A 3 0.68 3.48 -6.11
C LYS A 3 -0.36 3.24 -5.01
N CYS A 4 -0.42 4.16 -4.05
CA CYS A 4 -1.39 4.04 -2.95
C CYS A 4 -2.02 5.39 -2.67
N PHE A 5 -3.34 5.44 -2.83
CA PHE A 5 -4.13 6.64 -2.61
C PHE A 5 -4.63 6.75 -1.15
N GLN A 6 -4.75 5.62 -0.46
CA GLN A 6 -5.21 5.65 0.93
C GLN A 6 -4.35 6.61 1.72
N CYS A 7 -3.05 6.53 1.48
CA CYS A 7 -2.08 7.40 2.14
C CYS A 7 -0.86 7.51 1.25
N PRO A 8 -0.24 8.66 1.09
CA PRO A 8 0.93 8.77 0.20
C PRO A 8 1.90 7.63 0.45
N PHE A 9 1.82 6.59 -0.39
CA PHE A 9 2.71 5.45 -0.25
C PHE A 9 3.00 4.83 -1.61
N THR A 10 4.20 4.31 -1.73
CA THR A 10 4.65 3.68 -2.97
C THR A 10 5.65 2.58 -2.64
N CYS A 11 5.84 1.64 -3.56
CA CYS A 11 6.77 0.55 -3.30
C CYS A 11 7.35 -0.03 -4.59
N ASN A 12 8.21 -1.03 -4.43
CA ASN A 12 8.86 -1.70 -5.55
C ASN A 12 7.87 -2.45 -6.44
N GLU A 13 6.87 -3.09 -5.85
CA GLU A 13 5.89 -3.85 -6.63
C GLU A 13 4.56 -3.99 -5.88
N LYS A 14 3.54 -4.48 -6.59
CA LYS A 14 2.21 -4.63 -5.99
C LYS A 14 2.26 -5.44 -4.70
N SER A 15 2.94 -6.57 -4.72
CA SER A 15 3.02 -7.42 -3.53
C SER A 15 3.21 -6.61 -2.25
N HIS A 16 3.92 -5.49 -2.36
CA HIS A 16 4.13 -4.62 -1.20
C HIS A 16 2.89 -3.79 -0.96
N LEU A 17 2.23 -3.40 -2.04
CA LEU A 17 1.03 -2.62 -1.92
C LEU A 17 0.00 -3.42 -1.16
N PHE A 18 -0.09 -4.69 -1.54
CA PHE A 18 -1.02 -5.61 -0.91
C PHE A 18 -0.72 -5.70 0.57
N ASN A 19 0.56 -5.83 0.86
CA ASN A 19 1.01 -5.90 2.24
C ASN A 19 0.70 -4.58 2.94
N HIS A 20 0.92 -3.48 2.23
CA HIS A 20 0.65 -2.15 2.77
C HIS A 20 -0.83 -2.00 3.10
N MET A 21 -1.68 -2.58 2.24
CA MET A 21 -3.13 -2.51 2.45
C MET A 21 -3.57 -3.51 3.53
N LYS A 22 -2.97 -4.70 3.48
CA LYS A 22 -3.31 -5.77 4.42
C LYS A 22 -2.63 -5.60 5.77
N TYR A 23 -1.51 -4.87 5.81
CA TYR A 23 -0.84 -4.66 7.09
C TYR A 23 -1.68 -3.72 7.95
N GLY A 24 -2.61 -2.99 7.32
CA GLY A 24 -3.48 -2.08 8.06
C GLY A 24 -2.82 -0.72 8.26
N LEU A 25 -1.72 -0.50 7.56
CA LEU A 25 -1.02 0.77 7.66
C LEU A 25 -1.92 1.88 7.13
N CYS A 26 -2.63 1.57 6.05
CA CYS A 26 -3.55 2.53 5.44
C CYS A 26 -4.73 1.79 4.81
N LYS A 27 -5.90 1.92 5.44
CA LYS A 27 -7.11 1.27 4.94
C LYS A 27 -8.02 2.28 4.24
N ASN A 28 -8.72 1.83 3.20
CA ASN A 28 -9.63 2.70 2.45
C ASN A 28 -10.84 1.92 1.95
#